data_9C1W
#
_entry.id   9C1W
#
_cell.length_a   76.140
_cell.length_b   76.140
_cell.length_c   153.310
_cell.angle_alpha   90.000
_cell.angle_beta   90.000
_cell.angle_gamma   120.000
#
_symmetry.space_group_name_H-M   'P 32 2 1'
#
loop_
_entity.id
_entity.type
_entity.pdbx_description
1 polymer 'RAC-beta serine/threonine-protein kinase'
2 non-polymer 4-{2-[({4-[(2P)-2-(2-aminopyridin-3-yl)-5-phenyl-3H-imidazo[4,5-b]pyridin-3-yl]phenyl}methyl)amino]ethyl}-2-hydroxybenzaldehyde
3 non-polymer 1,2-ETHANEDIOL
4 water water
#
_entity_poly.entity_id   1
_entity_poly.type   'polypeptide(L)'
_entity_poly.pdbx_seq_one_letter_code
;NEVSVIKEGWLHKRGEYIKTWRPRYFLLKSDGSFIGYKERPEAPDQTLPPLNNFSVAECQLMKTERPRPNTFVIRCLQWT
TVIERTFHVDSPDEREEWMRAIQMVANSLKQRAAAEDPMDYKCGSPSDSSTTEEMEVAVSKARAKVTMNDFDYLKLLGKG
TFGKVILVREKATGRYYAMKILRKEVIIAKDEVAHTVTESRVLQNTRHPFLTALKYAFQTHDRLCFVMEYANGGELFFHL
SRERVFTEERARFYGAEIVSALEYLHSRDVVYRDIKLENLMLDKDGHIKITDFGLCKEGISDGATMKTFCGTPEYLAPEV
LEDNDYGRAVDWWGLGVVMYEMMCGRLPFYNQDHERLFELILMEEIRFPRTLSPEAKSLLAGLLKKDPKQRLGGGPSDAK
EVMEHRFFLSINWQDVVQKKLLPPFKPQVTSEVDTRYFDDEFTAQS
;
_entity_poly.pdbx_strand_id   A
#
# COMPACT_ATOMS: atom_id res chain seq x y z
N GLU A 2 9.12 27.86 0.02
CA GLU A 2 10.53 27.50 0.21
C GLU A 2 10.67 26.36 1.23
N VAL A 3 10.98 25.18 0.72
CA VAL A 3 11.02 23.97 1.55
C VAL A 3 12.37 23.91 2.28
N SER A 4 12.33 24.03 3.60
CA SER A 4 13.52 24.09 4.43
C SER A 4 13.59 22.91 5.38
N VAL A 5 14.82 22.49 5.68
CA VAL A 5 15.03 21.51 6.74
C VAL A 5 14.70 22.16 8.08
N ILE A 6 13.94 21.45 8.90
CA ILE A 6 13.52 21.96 10.21
C ILE A 6 14.37 21.29 11.28
N LYS A 7 14.82 20.07 11.01
CA LYS A 7 15.70 19.39 11.95
C LYS A 7 16.26 18.16 11.26
N GLU A 8 17.53 17.87 11.53
CA GLU A 8 18.18 16.70 10.96
C GLU A 8 19.12 16.10 11.99
N GLY A 9 19.42 14.83 11.82
CA GLY A 9 20.38 14.16 12.69
C GLY A 9 20.16 12.67 12.72
N TRP A 10 21.09 11.98 13.36
CA TRP A 10 21.00 10.52 13.46
C TRP A 10 19.89 10.10 14.42
N LEU A 11 19.26 8.97 14.08
CA LEU A 11 18.24 8.34 14.90
C LEU A 11 18.42 6.83 14.77
N HIS A 12 18.08 6.11 15.81
CA HIS A 12 17.88 4.68 15.66
C HIS A 12 16.45 4.47 15.16
N LYS A 13 16.32 3.84 13.98
CA LYS A 13 15.02 3.54 13.37
C LYS A 13 14.81 2.04 13.39
N ARG A 14 13.68 1.60 13.95
CA ARG A 14 13.32 0.20 13.88
C ARG A 14 12.77 -0.15 12.51
N GLY A 15 13.33 -1.19 11.89
CA GLY A 15 12.85 -1.66 10.60
C GLY A 15 11.36 -1.88 10.56
N GLU A 16 10.73 -1.55 9.42
CA GLU A 16 9.28 -1.68 9.28
C GLU A 16 8.84 -3.14 9.16
N TYR A 17 9.71 -4.00 8.61
CA TYR A 17 9.43 -5.43 8.51
C TYR A 17 10.46 -6.22 9.32
N ILE A 18 11.72 -6.24 8.91
CA ILE A 18 12.77 -6.77 9.77
C ILE A 18 12.81 -5.92 11.03
N LYS A 19 12.26 -6.43 12.13
CA LYS A 19 12.18 -5.68 13.38
C LYS A 19 13.58 -5.62 14.00
N THR A 20 14.37 -4.65 13.54
CA THR A 20 15.74 -4.46 13.99
C THR A 20 16.06 -2.97 14.00
N TRP A 21 16.99 -2.56 14.86
CA TRP A 21 17.37 -1.16 14.98
C TRP A 21 18.55 -0.86 14.08
N ARG A 22 18.47 0.27 13.36
CA ARG A 22 19.53 0.67 12.46
C ARG A 22 19.65 2.19 12.55
N PRO A 23 20.87 2.72 12.66
CA PRO A 23 21.03 4.17 12.64
C PRO A 23 20.77 4.71 11.25
N ARG A 24 19.99 5.78 11.19
CA ARG A 24 19.71 6.42 9.92
C ARG A 24 19.71 7.91 10.13
N TYR A 25 20.04 8.65 9.07
CA TYR A 25 20.14 10.11 9.15
C TYR A 25 18.85 10.71 8.61
N PHE A 26 18.10 11.36 9.49
CA PHE A 26 16.76 11.81 9.19
C PHE A 26 16.72 13.31 8.93
N LEU A 27 15.87 13.70 7.97
CA LEU A 27 15.57 15.09 7.71
C LEU A 27 14.07 15.30 7.89
N LEU A 28 13.72 16.16 8.82
CA LEU A 28 12.36 16.68 8.96
C LEU A 28 12.27 17.99 8.19
N LYS A 29 11.41 18.06 7.19
CA LYS A 29 11.33 19.25 6.34
C LYS A 29 10.00 19.96 6.52
N SER A 30 9.96 21.22 6.07
CA SER A 30 8.77 22.04 6.28
C SER A 30 7.58 21.56 5.44
N ASP A 31 7.82 20.76 4.39
CA ASP A 31 6.70 20.15 3.67
C ASP A 31 6.10 18.95 4.41
N GLY A 32 6.59 18.64 5.62
CA GLY A 32 6.05 17.57 6.42
C GLY A 32 6.73 16.22 6.24
N SER A 33 7.63 16.08 5.28
CA SER A 33 8.32 14.82 5.07
C SER A 33 9.37 14.58 6.14
N PHE A 34 9.49 13.32 6.53
CA PHE A 34 10.39 12.86 7.57
C PHE A 34 10.98 11.58 7.00
N ILE A 35 12.17 11.70 6.45
CA ILE A 35 12.76 10.64 5.63
C ILE A 35 14.16 10.39 6.13
N GLY A 36 14.55 9.13 6.16
CA GLY A 36 15.82 8.72 6.76
C GLY A 36 16.72 8.10 5.70
N TYR A 37 18.01 8.41 5.78
CA TYR A 37 18.98 7.99 4.78
C TYR A 37 20.18 7.31 5.44
N LYS A 38 20.81 6.41 4.68
CA LYS A 38 22.00 5.72 5.18
C LYS A 38 23.14 6.66 5.51
N GLU A 39 23.18 7.86 4.92
CA GLU A 39 24.21 8.84 5.26
C GLU A 39 23.67 10.24 4.99
N ARG A 40 24.24 11.23 5.66
CA ARG A 40 23.82 12.62 5.53
C ARG A 40 24.02 13.10 4.11
N PRO A 41 22.95 13.20 3.29
CA PRO A 41 23.03 13.60 1.89
C PRO A 41 23.78 14.92 1.67
N GLN A 46 14.89 21.04 -2.00
CA GLN A 46 15.88 20.88 -3.05
C GLN A 46 15.57 19.67 -3.95
N THR A 47 14.47 18.94 -3.65
CA THR A 47 14.17 17.63 -4.24
C THR A 47 12.77 17.64 -4.87
N LEU A 48 12.44 16.50 -5.51
CA LEU A 48 11.16 16.25 -6.16
C LEU A 48 10.13 16.01 -5.06
N PRO A 49 8.89 15.66 -5.45
CA PRO A 49 7.76 15.50 -4.49
C PRO A 49 8.02 14.36 -3.55
N PRO A 50 8.20 14.62 -2.25
CA PRO A 50 8.26 13.50 -1.32
C PRO A 50 6.92 12.80 -1.26
N LEU A 51 6.96 11.50 -1.06
CA LEU A 51 5.75 10.71 -0.94
C LEU A 51 5.01 11.04 0.35
N ASN A 52 3.68 11.13 0.25
CA ASN A 52 2.86 11.36 1.44
C ASN A 52 3.01 10.25 2.47
N ASN A 53 3.46 9.07 2.05
CA ASN A 53 3.71 8.00 3.02
C ASN A 53 4.66 8.44 4.13
N PHE A 54 5.55 9.38 3.84
CA PHE A 54 6.57 9.79 4.81
C PHE A 54 6.19 11.05 5.56
N SER A 55 5.00 11.57 5.33
CA SER A 55 4.59 12.82 5.93
C SER A 55 4.19 12.64 7.41
N VAL A 56 4.46 13.68 8.21
CA VAL A 56 4.01 13.70 9.61
C VAL A 56 2.69 14.44 9.78
N ALA A 57 2.06 14.88 8.69
CA ALA A 57 0.77 15.54 8.79
C ALA A 57 -0.20 14.71 9.62
N GLU A 58 -0.85 15.39 10.57
CA GLU A 58 -1.90 14.83 11.42
C GLU A 58 -1.43 13.65 12.24
N CYS A 59 -0.14 13.46 12.41
CA CYS A 59 0.24 12.26 13.15
C CYS A 59 0.13 12.51 14.66
N GLN A 60 0.12 11.42 15.41
CA GLN A 60 0.10 11.44 16.86
C GLN A 60 1.44 10.91 17.33
N LEU A 61 2.07 11.63 18.25
CA LEU A 61 3.38 11.25 18.77
C LEU A 61 3.21 10.70 20.17
N MET A 62 3.93 9.64 20.48
CA MET A 62 3.86 9.10 21.83
C MET A 62 5.23 8.63 22.30
N LYS A 63 5.47 8.78 23.61
CA LYS A 63 6.68 8.30 24.26
C LYS A 63 6.45 6.89 24.80
N THR A 64 7.49 6.07 24.75
CA THR A 64 7.46 4.77 25.41
C THR A 64 8.88 4.43 25.85
N GLU A 65 8.98 3.52 26.82
CA GLU A 65 10.27 3.07 27.31
C GLU A 65 10.52 1.61 27.03
N ARG A 66 9.75 1.00 26.13
CA ARG A 66 9.98 -0.37 25.71
C ARG A 66 10.11 -0.44 24.20
N PRO A 67 11.02 -1.27 23.68
CA PRO A 67 11.92 -2.15 24.41
C PRO A 67 13.12 -1.39 24.97
N ARG A 68 13.29 -0.11 24.64
CA ARG A 68 14.36 0.70 25.18
C ARG A 68 13.82 2.03 25.70
N PRO A 69 14.44 2.58 26.73
CA PRO A 69 14.09 3.94 27.14
C PRO A 69 14.35 4.93 26.00
N ASN A 70 13.65 6.05 26.05
CA ASN A 70 13.86 7.14 25.10
C ASN A 70 13.42 6.74 23.69
N THR A 71 12.37 5.95 23.61
CA THR A 71 11.74 5.58 22.34
C THR A 71 10.55 6.50 22.08
N PHE A 72 10.30 6.80 20.80
CA PHE A 72 9.09 7.51 20.46
C PHE A 72 8.51 6.95 19.17
N VAL A 73 7.21 7.18 18.99
CA VAL A 73 6.43 6.57 17.91
C VAL A 73 5.63 7.65 17.21
N ILE A 74 5.69 7.67 15.88
CA ILE A 74 4.84 8.50 15.05
C ILE A 74 3.73 7.64 14.48
N ARG A 75 2.49 7.95 14.83
CA ARG A 75 1.35 7.16 14.42
C ARG A 75 0.45 8.03 13.55
N CYS A 76 0.17 7.56 12.32
CA CYS A 76 -0.61 8.32 11.36
C CYS A 76 -1.73 7.48 10.78
N LEU A 77 -2.86 8.12 10.57
CA LEU A 77 -3.95 7.57 9.77
C LEU A 77 -3.76 8.01 8.32
N GLN A 78 -3.33 7.09 7.48
CA GLN A 78 -3.14 7.35 6.05
C GLN A 78 -4.32 6.72 5.29
N TRP A 79 -5.25 7.55 4.85
CA TRP A 79 -6.47 7.10 4.20
C TRP A 79 -7.30 6.35 5.25
N THR A 80 -7.29 5.02 5.22
CA THR A 80 -8.01 4.24 6.24
C THR A 80 -7.11 3.35 7.07
N THR A 81 -5.79 3.53 6.99
CA THR A 81 -4.86 2.59 7.59
C THR A 81 -3.98 3.33 8.59
N VAL A 82 -3.79 2.72 9.77
CA VAL A 82 -2.89 3.28 10.78
C VAL A 82 -1.48 2.80 10.49
N ILE A 83 -0.56 3.74 10.38
CA ILE A 83 0.85 3.48 10.14
C ILE A 83 1.59 3.93 11.39
N GLU A 84 2.59 3.15 11.81
CA GLU A 84 3.41 3.50 12.96
C GLU A 84 4.87 3.46 12.57
N ARG A 85 5.61 4.50 12.94
CA ARG A 85 7.06 4.49 12.76
C ARG A 85 7.71 4.68 14.12
N THR A 86 8.73 3.89 14.40
CA THR A 86 9.31 3.81 15.73
C THR A 86 10.76 4.23 15.69
N PHE A 87 11.14 5.10 16.63
CA PHE A 87 12.47 5.68 16.66
C PHE A 87 13.03 5.63 18.07
N HIS A 88 14.35 5.71 18.16
CA HIS A 88 15.04 5.72 19.46
C HIS A 88 16.19 6.72 19.40
N VAL A 89 16.34 7.48 20.49
CA VAL A 89 17.47 8.40 20.65
C VAL A 89 18.16 8.10 21.97
N ASP A 90 19.33 8.70 22.17
CA ASP A 90 20.14 8.32 23.35
C ASP A 90 19.55 8.88 24.65
N SER A 91 19.14 10.14 24.66
CA SER A 91 18.72 10.79 25.90
C SER A 91 17.29 11.33 25.83
N PRO A 92 16.64 11.50 26.98
CA PRO A 92 15.26 12.03 26.98
C PRO A 92 15.17 13.46 26.52
N ASP A 93 16.24 14.25 26.63
CA ASP A 93 16.25 15.59 26.07
C ASP A 93 16.18 15.54 24.55
N GLU A 94 16.97 14.67 23.92
CA GLU A 94 16.91 14.61 22.47
C GLU A 94 15.55 14.12 22.00
N ARG A 95 14.91 13.20 22.75
CA ARG A 95 13.57 12.73 22.38
C ARG A 95 12.58 13.87 22.40
N GLU A 96 12.64 14.71 23.44
CA GLU A 96 11.74 15.86 23.54
C GLU A 96 11.94 16.81 22.36
N GLU A 97 13.19 17.13 22.03
CA GLU A 97 13.44 18.10 20.95
C GLU A 97 12.94 17.56 19.61
N TRP A 98 13.19 16.28 19.33
CA TRP A 98 12.65 15.65 18.12
C TRP A 98 11.12 15.69 18.10
N MET A 99 10.48 15.27 19.20
CA MET A 99 9.01 15.23 19.22
C MET A 99 8.41 16.63 19.09
N ARG A 100 9.02 17.63 19.72
CA ARG A 100 8.50 18.99 19.58
C ARG A 100 8.66 19.50 18.16
N ALA A 101 9.80 19.20 17.52
CA ALA A 101 9.97 19.67 16.16
C ALA A 101 8.97 18.99 15.22
N ILE A 102 8.77 17.67 15.39
CA ILE A 102 7.82 16.95 14.53
C ILE A 102 6.42 17.50 14.73
N GLN A 103 6.03 17.69 16.00
CA GLN A 103 4.71 18.25 16.29
C GLN A 103 4.57 19.66 15.74
N MET A 104 5.64 20.46 15.80
CA MET A 104 5.60 21.79 15.22
C MET A 104 5.27 21.72 13.73
N VAL A 105 5.95 20.82 12.99
CA VAL A 105 5.73 20.71 11.56
C VAL A 105 4.30 20.25 11.27
N ALA A 106 3.82 19.28 12.05
CA ALA A 106 2.45 18.82 11.89
C ALA A 106 1.45 19.93 12.15
N ASN A 107 1.77 20.83 13.08
CA ASN A 107 0.91 21.98 13.35
C ASN A 107 0.93 22.98 12.21
N SER A 108 2.12 23.28 11.67
CA SER A 108 2.21 24.18 10.51
C SER A 108 1.43 23.65 9.33
N LEU A 109 1.59 22.36 9.03
CA LEU A 109 0.89 21.77 7.87
C LEU A 109 -0.60 21.83 8.05
N LYS A 110 -1.09 21.54 9.26
CA LYS A 110 -2.52 21.62 9.52
C LYS A 110 -3.04 23.04 9.29
N GLN A 111 -2.32 24.04 9.79
CA GLN A 111 -2.72 25.42 9.57
C GLN A 111 -2.77 25.75 8.07
N ARG A 112 -1.76 25.32 7.32
CA ARG A 112 -1.73 25.64 5.89
C ARG A 112 -2.91 25.01 5.17
N ALA A 113 -3.20 23.73 5.47
CA ALA A 113 -4.30 23.05 4.80
C ALA A 113 -5.61 23.78 5.01
N ALA A 114 -5.87 24.22 6.24
CA ALA A 114 -7.11 24.94 6.53
C ALA A 114 -7.20 26.23 5.74
N ALA A 115 -6.08 26.95 5.61
CA ALA A 115 -6.11 28.23 4.92
C ALA A 115 -6.33 28.06 3.42
N GLU A 116 -5.78 26.98 2.84
CA GLU A 116 -5.85 26.76 1.40
C GLU A 116 -7.23 26.27 0.96
N ASP A 117 -7.82 25.33 1.70
CA ASP A 117 -9.15 24.84 1.39
C ASP A 117 -10.19 25.52 2.26
N LYS A 145 -26.50 9.87 9.81
CA LYS A 145 -27.55 8.94 9.39
C LYS A 145 -27.12 7.49 9.64
N VAL A 146 -25.90 7.14 9.21
CA VAL A 146 -25.44 5.75 9.20
C VAL A 146 -24.84 5.40 10.56
N THR A 147 -25.24 4.26 11.12
CA THR A 147 -24.76 3.77 12.41
C THR A 147 -24.39 2.29 12.32
N MET A 148 -23.82 1.75 13.39
CA MET A 148 -23.38 0.36 13.36
C MET A 148 -24.57 -0.61 13.31
N ASN A 149 -25.71 -0.25 13.89
CA ASN A 149 -26.86 -1.15 13.83
C ASN A 149 -27.51 -1.18 12.44
N ASP A 150 -26.96 -0.46 11.46
CA ASP A 150 -27.49 -0.50 10.09
C ASP A 150 -26.88 -1.64 9.27
N PHE A 151 -26.09 -2.53 9.88
CA PHE A 151 -25.43 -3.59 9.15
C PHE A 151 -25.58 -4.92 9.88
N ASP A 152 -25.62 -6.01 9.12
CA ASP A 152 -25.33 -7.35 9.63
C ASP A 152 -23.83 -7.61 9.54
N TYR A 153 -23.28 -8.28 10.56
CA TYR A 153 -21.84 -8.57 10.66
C TYR A 153 -21.63 -10.06 10.40
N LEU A 154 -20.99 -10.38 9.27
CA LEU A 154 -21.06 -11.73 8.74
C LEU A 154 -19.81 -12.55 8.93
N LYS A 155 -18.63 -11.95 8.80
CA LYS A 155 -17.40 -12.73 8.74
C LYS A 155 -16.22 -11.79 8.97
N LEU A 156 -15.29 -12.20 9.82
CA LEU A 156 -14.09 -11.42 10.07
C LEU A 156 -13.13 -11.61 8.90
N LEU A 157 -12.75 -10.52 8.24
CA LEU A 157 -11.84 -10.65 7.11
C LEU A 157 -10.39 -10.52 7.55
N GLY A 158 -10.14 -9.79 8.62
CA GLY A 158 -8.78 -9.63 9.12
C GLY A 158 -8.78 -8.81 10.38
N LYS A 159 -7.72 -8.98 11.17
CA LYS A 159 -7.61 -8.31 12.46
C LYS A 159 -6.16 -7.93 12.72
N GLY A 160 -5.95 -6.70 13.19
CA GLY A 160 -4.62 -6.20 13.41
C GLY A 160 -4.50 -5.45 14.72
N THR A 161 -3.36 -4.75 14.89
CA THR A 161 -3.11 -4.06 16.15
C THR A 161 -4.16 -3.00 16.43
N PHE A 162 -4.57 -2.27 15.39
CA PHE A 162 -5.34 -1.05 15.54
C PHE A 162 -6.81 -1.18 15.22
N GLY A 163 -7.19 -2.17 14.41
CA GLY A 163 -8.59 -2.41 14.15
C GLY A 163 -8.80 -3.74 13.47
N LYS A 164 -9.94 -3.86 12.82
CA LYS A 164 -10.30 -5.11 12.15
C LYS A 164 -11.13 -4.77 10.93
N VAL A 165 -11.33 -5.77 10.07
CA VAL A 165 -12.19 -5.61 8.90
C VAL A 165 -13.20 -6.75 8.91
N ILE A 166 -14.48 -6.42 8.78
CA ILE A 166 -15.56 -7.39 8.82
C ILE A 166 -16.38 -7.27 7.55
N LEU A 167 -16.74 -8.41 6.95
CA LEU A 167 -17.70 -8.43 5.87
C LEU A 167 -19.09 -8.14 6.44
N VAL A 168 -19.75 -7.09 5.95
CA VAL A 168 -21.06 -6.67 6.46
C VAL A 168 -22.05 -6.68 5.30
N ARG A 169 -23.32 -6.68 5.68
CA ARG A 169 -24.43 -6.46 4.76
C ARG A 169 -25.19 -5.24 5.25
N GLU A 170 -25.39 -4.26 4.39
CA GLU A 170 -26.18 -3.11 4.79
C GLU A 170 -27.66 -3.54 4.86
N LYS A 171 -28.29 -3.34 6.02
CA LYS A 171 -29.64 -3.88 6.23
C LYS A 171 -30.65 -3.26 5.27
N ALA A 172 -30.60 -1.93 5.10
CA ALA A 172 -31.56 -1.23 4.25
C ALA A 172 -31.54 -1.66 2.79
N THR A 173 -30.48 -2.30 2.31
CA THR A 173 -30.37 -2.56 0.87
C THR A 173 -29.90 -3.96 0.50
N GLY A 174 -29.40 -4.78 1.43
CA GLY A 174 -28.88 -6.08 1.04
C GLY A 174 -27.50 -6.08 0.40
N ARG A 175 -26.84 -4.94 0.21
CA ARG A 175 -25.53 -4.96 -0.42
C ARG A 175 -24.41 -5.31 0.58
N TYR A 176 -23.33 -5.86 0.05
CA TYR A 176 -22.17 -6.29 0.82
C TYR A 176 -21.03 -5.30 0.72
N TYR A 177 -20.40 -5.05 1.88
CA TYR A 177 -19.28 -4.12 2.01
C TYR A 177 -18.29 -4.73 3.00
N ALA A 178 -17.07 -4.19 3.00
CA ALA A 178 -16.10 -4.52 4.03
C ALA A 178 -16.03 -3.32 4.98
N MET A 179 -16.26 -3.56 6.27
CA MET A 179 -16.19 -2.47 7.24
C MET A 179 -14.88 -2.56 8.01
N LYS A 180 -14.07 -1.52 7.88
CA LYS A 180 -12.86 -1.40 8.69
C LYS A 180 -13.20 -0.64 9.96
N ILE A 181 -12.94 -1.24 11.11
CA ILE A 181 -13.32 -0.66 12.40
C ILE A 181 -12.04 -0.42 13.19
N LEU A 182 -11.82 0.83 13.61
CA LEU A 182 -10.63 1.21 14.37
C LEU A 182 -11.04 1.93 15.64
N ARG A 183 -10.31 1.68 16.72
CA ARG A 183 -10.60 2.35 17.97
C ARG A 183 -10.12 3.80 17.91
N LYS A 184 -10.95 4.72 18.41
CA LYS A 184 -10.66 6.14 18.30
C LYS A 184 -9.38 6.51 19.05
N GLU A 185 -9.15 5.91 20.21
CA GLU A 185 -8.03 6.25 21.08
C GLU A 185 -6.69 6.06 20.37
N VAL A 186 -6.73 5.56 19.14
CA VAL A 186 -5.50 5.20 18.44
C VAL A 186 -4.89 6.38 17.70
N ILE A 187 -5.72 7.23 17.07
CA ILE A 187 -5.17 8.34 16.28
C ILE A 187 -5.88 9.65 16.56
N ILE A 188 -6.77 9.67 17.55
CA ILE A 188 -7.47 10.89 17.94
C ILE A 188 -6.97 11.41 19.27
N ALA A 189 -6.88 10.54 20.28
CA ALA A 189 -6.29 10.86 21.58
C ALA A 189 -6.61 12.27 22.08
N HIS A 195 -13.45 14.70 15.98
CA HIS A 195 -13.04 13.70 15.01
C HIS A 195 -14.06 13.55 13.87
N THR A 196 -15.07 14.43 13.84
CA THR A 196 -15.94 14.50 12.67
C THR A 196 -15.15 14.88 11.44
N VAL A 197 -14.04 15.59 11.62
CA VAL A 197 -13.17 15.98 10.51
C VAL A 197 -12.60 14.75 9.81
N THR A 198 -12.36 13.67 10.56
CA THR A 198 -11.87 12.43 9.97
C THR A 198 -12.92 11.74 9.10
N GLU A 199 -14.15 12.24 9.09
CA GLU A 199 -15.21 11.78 8.19
C GLU A 199 -15.12 12.41 6.81
N SER A 200 -14.28 13.46 6.64
CA SER A 200 -13.96 14.09 5.36
C SER A 200 -13.14 13.16 4.40
N ARG A 201 -12.84 11.92 4.78
CA ARG A 201 -12.30 10.97 3.80
C ARG A 201 -13.32 10.62 2.73
N VAL A 202 -14.62 10.69 3.06
CA VAL A 202 -15.67 10.43 2.09
C VAL A 202 -15.68 11.45 0.95
N LEU A 203 -14.83 12.48 1.03
CA LEU A 203 -14.68 13.48 0.00
C LEU A 203 -13.40 13.30 -0.81
N GLN A 204 -12.26 13.11 -0.11
CA GLN A 204 -10.99 12.78 -0.75
C GLN A 204 -11.00 11.33 -1.24
N ASN A 205 -12.20 10.81 -1.51
CA ASN A 205 -12.39 9.41 -1.84
C ASN A 205 -11.84 9.09 -3.24
N THR A 206 -11.12 7.97 -3.33
CA THR A 206 -10.62 7.51 -4.63
C THR A 206 -11.79 7.32 -5.59
N ARG A 207 -11.63 7.82 -6.79
CA ARG A 207 -12.56 7.56 -7.86
C ARG A 207 -12.10 6.42 -8.76
N HIS A 208 -10.87 5.96 -8.59
CA HIS A 208 -10.26 5.09 -9.60
C HIS A 208 -11.01 3.76 -9.68
N PRO A 209 -11.28 3.27 -10.90
CA PRO A 209 -12.07 2.05 -11.04
C PRO A 209 -11.47 0.83 -10.38
N PHE A 210 -10.15 0.74 -10.23
CA PHE A 210 -9.56 -0.51 -9.75
C PHE A 210 -9.04 -0.40 -8.32
N LEU A 211 -9.31 0.71 -7.66
CA LEU A 211 -9.05 0.85 -6.23
C LEU A 211 -10.34 0.63 -5.44
N THR A 212 -10.18 0.55 -4.14
CA THR A 212 -11.31 0.30 -3.24
C THR A 212 -11.91 1.64 -2.80
N ALA A 213 -13.15 1.88 -3.17
CA ALA A 213 -13.80 3.13 -2.83
C ALA A 213 -14.47 3.03 -1.46
N LEU A 214 -14.57 4.18 -0.79
CA LEU A 214 -15.24 4.32 0.50
C LEU A 214 -16.72 4.65 0.26
N LYS A 215 -17.62 3.85 0.85
CA LYS A 215 -19.05 4.14 0.75
C LYS A 215 -19.51 5.04 1.88
N TYR A 216 -19.25 4.65 3.13
CA TYR A 216 -19.56 5.45 4.29
C TYR A 216 -18.34 5.56 5.19
N ALA A 217 -18.32 6.65 5.95
CA ALA A 217 -17.37 6.80 7.05
C ALA A 217 -18.11 7.49 8.19
N PHE A 218 -18.17 6.84 9.35
CA PHE A 218 -18.86 7.41 10.50
C PHE A 218 -18.12 7.01 11.76
N GLN A 219 -18.57 7.55 12.87
CA GLN A 219 -17.94 7.29 14.15
C GLN A 219 -19.01 6.91 15.15
N THR A 220 -18.62 6.09 16.11
CA THR A 220 -19.38 5.85 17.32
C THR A 220 -18.70 6.59 18.46
N HIS A 221 -19.16 6.36 19.68
CA HIS A 221 -18.46 6.93 20.82
C HIS A 221 -17.01 6.50 20.84
N ASP A 222 -16.75 5.22 20.55
CA ASP A 222 -15.45 4.60 20.75
C ASP A 222 -14.63 4.42 19.49
N ARG A 223 -15.24 4.40 18.31
CA ARG A 223 -14.54 3.86 17.16
C ARG A 223 -14.85 4.67 15.90
N LEU A 224 -14.03 4.44 14.88
CA LEU A 224 -14.24 4.96 13.54
C LEU A 224 -14.53 3.79 12.62
N CYS A 225 -15.52 3.96 11.75
CA CYS A 225 -15.98 2.89 10.87
C CYS A 225 -15.88 3.36 9.44
N PHE A 226 -15.09 2.66 8.62
CA PHE A 226 -14.97 2.91 7.20
C PHE A 226 -15.64 1.77 6.46
N VAL A 227 -16.75 2.05 5.78
CA VAL A 227 -17.46 1.05 4.98
C VAL A 227 -16.95 1.18 3.54
N MET A 228 -16.24 0.17 3.05
CA MET A 228 -15.66 0.25 1.72
C MET A 228 -16.23 -0.84 0.81
N GLU A 229 -16.06 -0.65 -0.49
CA GLU A 229 -16.61 -1.64 -1.41
C GLU A 229 -15.85 -2.95 -1.27
N TYR A 230 -16.52 -4.03 -1.63
CA TYR A 230 -15.98 -5.38 -1.51
C TYR A 230 -16.39 -6.14 -2.75
N ALA A 231 -15.41 -6.55 -3.55
CA ALA A 231 -15.71 -7.22 -4.81
C ALA A 231 -16.16 -8.66 -4.55
N ASN A 232 -17.17 -9.11 -5.29
CA ASN A 232 -17.71 -10.45 -5.02
C ASN A 232 -17.36 -11.45 -6.11
N GLY A 233 -16.33 -11.18 -6.90
CA GLY A 233 -15.88 -12.06 -7.95
C GLY A 233 -14.75 -12.98 -7.56
N GLY A 234 -14.41 -13.04 -6.27
CA GLY A 234 -13.42 -13.97 -5.78
C GLY A 234 -12.03 -13.36 -5.69
N GLU A 235 -11.22 -13.95 -4.82
CA GLU A 235 -9.83 -13.54 -4.65
C GLU A 235 -8.99 -14.05 -5.80
N LEU A 236 -8.10 -13.19 -6.31
CA LEU A 236 -7.24 -13.65 -7.38
C LEU A 236 -6.34 -14.80 -6.92
N PHE A 237 -6.01 -14.85 -5.64
CA PHE A 237 -5.27 -16.02 -5.17
C PHE A 237 -6.07 -17.29 -5.43
N PHE A 238 -7.37 -17.26 -5.21
CA PHE A 238 -8.21 -18.45 -5.44
C PHE A 238 -8.23 -18.83 -6.91
N HIS A 239 -8.44 -17.85 -7.81
CA HIS A 239 -8.51 -18.16 -9.23
C HIS A 239 -7.17 -18.69 -9.75
N LEU A 240 -6.04 -18.12 -9.32
CA LEU A 240 -4.75 -18.59 -9.82
C LEU A 240 -4.40 -19.96 -9.27
N SER A 241 -4.75 -20.22 -8.00
CA SER A 241 -4.48 -21.52 -7.41
C SER A 241 -5.11 -22.63 -8.21
N ARG A 242 -6.37 -22.44 -8.65
CA ARG A 242 -7.09 -23.47 -9.37
C ARG A 242 -6.61 -23.58 -10.82
N GLU A 243 -6.42 -22.44 -11.49
CA GLU A 243 -5.98 -22.51 -12.87
C GLU A 243 -4.51 -22.84 -12.99
N ARG A 244 -3.76 -22.78 -11.89
CA ARG A 244 -2.35 -23.12 -11.87
C ARG A 244 -1.50 -21.98 -12.43
N VAL A 245 -1.79 -21.56 -13.66
CA VAL A 245 -1.00 -20.54 -14.36
C VAL A 245 -1.94 -19.78 -15.27
N PHE A 246 -1.73 -18.47 -15.40
CA PHE A 246 -2.51 -17.66 -16.32
C PHE A 246 -1.79 -17.61 -17.67
N THR A 247 -2.56 -17.52 -18.75
CA THR A 247 -1.92 -17.18 -20.03
C THR A 247 -1.30 -15.79 -19.94
N GLU A 248 -0.34 -15.52 -20.82
CA GLU A 248 0.24 -14.19 -20.83
C GLU A 248 -0.80 -13.15 -21.16
N GLU A 249 -1.79 -13.47 -22.01
CA GLU A 249 -2.81 -12.47 -22.30
C GLU A 249 -3.66 -12.16 -21.06
N ARG A 250 -3.93 -13.17 -20.24
CA ARG A 250 -4.70 -12.94 -19.01
C ARG A 250 -3.90 -12.09 -18.02
N ALA A 251 -2.66 -12.48 -17.76
CA ALA A 251 -1.81 -11.70 -16.87
C ALA A 251 -1.62 -10.28 -17.38
N ARG A 252 -1.61 -10.09 -18.73
CA ARG A 252 -1.43 -8.74 -19.26
C ARG A 252 -2.63 -7.87 -18.94
N PHE A 253 -3.83 -8.43 -19.04
CA PHE A 253 -5.04 -7.69 -18.70
C PHE A 253 -5.01 -7.24 -17.23
N TYR A 254 -4.72 -8.18 -16.32
CA TYR A 254 -4.67 -7.82 -14.90
C TYR A 254 -3.51 -6.85 -14.63
N GLY A 255 -2.34 -7.13 -15.19
CA GLY A 255 -1.21 -6.26 -14.95
C GLY A 255 -1.49 -4.85 -15.43
N ALA A 256 -2.19 -4.71 -16.55
CA ALA A 256 -2.44 -3.38 -17.08
C ALA A 256 -3.41 -2.62 -16.18
N GLU A 257 -4.44 -3.29 -15.65
CA GLU A 257 -5.34 -2.65 -14.69
C GLU A 257 -4.58 -2.22 -13.43
N ILE A 258 -3.65 -3.05 -12.96
CA ILE A 258 -2.84 -2.68 -11.79
C ILE A 258 -1.94 -1.50 -12.12
N VAL A 259 -1.32 -1.50 -13.30
CA VAL A 259 -0.46 -0.37 -13.67
C VAL A 259 -1.25 0.93 -13.64
N SER A 260 -2.47 0.93 -14.19
CA SER A 260 -3.30 2.13 -14.22
C SER A 260 -3.61 2.61 -12.79
N ALA A 261 -3.91 1.67 -11.89
CA ALA A 261 -4.15 2.03 -10.51
C ALA A 261 -2.88 2.58 -9.86
N LEU A 262 -1.72 1.97 -10.14
CA LEU A 262 -0.48 2.46 -9.54
C LEU A 262 -0.13 3.85 -10.06
N GLU A 263 -0.35 4.08 -11.37
CA GLU A 263 -0.13 5.43 -11.89
C GLU A 263 -0.95 6.44 -11.13
N TYR A 264 -2.22 6.12 -10.87
CA TYR A 264 -3.08 7.06 -10.18
C TYR A 264 -2.55 7.37 -8.77
N LEU A 265 -2.16 6.33 -8.03
CA LEU A 265 -1.67 6.54 -6.66
C LEU A 265 -0.38 7.35 -6.68
N HIS A 266 0.56 6.98 -7.56
CA HIS A 266 1.82 7.72 -7.66
C HIS A 266 1.60 9.16 -8.08
N SER A 267 0.56 9.44 -8.89
CA SER A 267 0.27 10.80 -9.29
C SER A 267 -0.24 11.63 -8.13
N ARG A 268 -0.77 10.98 -7.09
CA ARG A 268 -1.13 11.61 -5.83
C ARG A 268 0.00 11.55 -4.79
N ASP A 269 1.20 11.16 -5.20
CA ASP A 269 2.35 11.03 -4.28
C ASP A 269 2.10 10.00 -3.21
N VAL A 270 1.49 8.88 -3.59
CA VAL A 270 1.20 7.79 -2.67
C VAL A 270 1.79 6.51 -3.25
N VAL A 271 2.50 5.76 -2.43
CA VAL A 271 3.00 4.45 -2.80
C VAL A 271 2.14 3.41 -2.08
N TYR A 272 1.80 2.34 -2.78
CA TYR A 272 0.92 1.34 -2.19
C TYR A 272 1.70 0.43 -1.23
N ARG A 273 2.84 -0.08 -1.69
CA ARG A 273 3.79 -0.84 -0.89
C ARG A 273 3.25 -2.21 -0.46
N ASP A 274 2.05 -2.59 -0.87
CA ASP A 274 1.39 -3.82 -0.41
C ASP A 274 0.98 -4.73 -1.57
N ILE A 275 1.56 -4.56 -2.76
CA ILE A 275 1.13 -5.36 -3.90
C ILE A 275 1.45 -6.80 -3.59
N LYS A 276 0.43 -7.65 -3.58
CA LYS A 276 0.62 -9.09 -3.50
C LYS A 276 -0.66 -9.74 -3.99
N LEU A 277 -0.55 -11.03 -4.31
CA LEU A 277 -1.69 -11.74 -4.87
C LEU A 277 -2.91 -11.66 -3.98
N GLU A 278 -2.74 -11.80 -2.67
CA GLU A 278 -3.86 -11.80 -1.73
C GLU A 278 -4.54 -10.44 -1.60
N ASN A 279 -3.99 -9.38 -2.17
CA ASN A 279 -4.64 -8.07 -2.14
C ASN A 279 -5.29 -7.73 -3.47
N LEU A 280 -5.48 -8.73 -4.31
CA LEU A 280 -6.12 -8.55 -5.60
C LEU A 280 -7.37 -9.40 -5.63
N MET A 281 -8.49 -8.78 -5.96
CA MET A 281 -9.77 -9.47 -6.10
C MET A 281 -10.35 -9.13 -7.46
N LEU A 282 -11.38 -9.89 -7.87
CA LEU A 282 -12.14 -9.61 -9.09
C LEU A 282 -13.56 -9.17 -8.74
N ASP A 283 -14.05 -8.15 -9.44
CA ASP A 283 -15.45 -7.77 -9.27
C ASP A 283 -16.31 -8.70 -10.12
N LYS A 284 -17.63 -8.44 -10.13
CA LYS A 284 -18.56 -9.39 -10.77
C LYS A 284 -18.29 -9.54 -12.26
N ASP A 285 -17.74 -8.51 -12.91
CA ASP A 285 -17.48 -8.60 -14.35
C ASP A 285 -16.09 -9.10 -14.69
N GLY A 286 -15.19 -9.28 -13.73
CA GLY A 286 -13.84 -9.74 -14.05
C GLY A 286 -12.76 -8.67 -14.07
N HIS A 287 -13.09 -7.45 -13.65
CA HIS A 287 -12.10 -6.38 -13.50
C HIS A 287 -11.41 -6.47 -12.14
N ILE A 288 -10.18 -5.94 -12.09
CA ILE A 288 -9.39 -6.02 -10.87
C ILE A 288 -9.95 -5.07 -9.82
N LYS A 289 -9.82 -5.47 -8.56
CA LYS A 289 -10.00 -4.55 -7.45
C LYS A 289 -8.82 -4.76 -6.52
N ILE A 290 -8.05 -3.71 -6.28
CA ILE A 290 -7.00 -3.77 -5.27
C ILE A 290 -7.61 -3.43 -3.92
N THR A 291 -7.36 -4.26 -2.92
CA THR A 291 -8.01 -4.10 -1.64
C THR A 291 -7.31 -3.05 -0.75
N ASP A 292 -8.09 -2.48 0.16
CA ASP A 292 -7.61 -1.53 1.17
C ASP A 292 -7.89 -2.09 2.57
N PHE A 293 -7.53 -3.35 2.83
CA PHE A 293 -7.92 -4.00 4.08
C PHE A 293 -6.78 -4.12 5.07
N GLY A 294 -5.64 -3.50 4.79
CA GLY A 294 -4.49 -3.67 5.64
C GLY A 294 -4.74 -3.14 7.04
N LEU A 295 -4.04 -3.74 8.00
CA LEU A 295 -4.06 -3.31 9.39
C LEU A 295 -2.69 -3.60 10.00
N CYS A 296 -2.20 -2.69 10.83
CA CYS A 296 -0.89 -2.92 11.44
C CYS A 296 -0.93 -4.13 12.37
N GLY A 311 4.45 -9.08 7.88
CA GLY A 311 4.04 -9.04 6.48
C GLY A 311 4.28 -10.35 5.76
N THR A 312 4.48 -10.27 4.45
CA THR A 312 4.82 -11.43 3.64
C THR A 312 6.19 -11.19 3.03
N PRO A 313 7.23 -11.86 3.51
CA PRO A 313 8.60 -11.47 3.14
C PRO A 313 8.92 -11.71 1.68
N GLU A 314 8.28 -12.70 1.05
CA GLU A 314 8.56 -13.02 -0.34
C GLU A 314 8.30 -11.86 -1.28
N TYR A 315 7.56 -10.83 -0.86
CA TYR A 315 7.30 -9.69 -1.72
C TYR A 315 8.13 -8.46 -1.39
N LEU A 316 9.05 -8.53 -0.43
CA LEU A 316 9.79 -7.34 -0.04
C LEU A 316 10.82 -6.97 -1.12
N ALA A 317 10.78 -5.71 -1.57
CA ALA A 317 11.76 -5.21 -2.53
C ALA A 317 13.15 -5.12 -1.89
N PRO A 318 14.23 -5.26 -2.68
CA PRO A 318 15.58 -5.21 -2.08
C PRO A 318 15.80 -3.98 -1.21
N GLU A 319 15.52 -2.79 -1.74
CA GLU A 319 15.76 -1.57 -0.99
C GLU A 319 14.96 -1.51 0.30
N VAL A 320 13.86 -2.26 0.38
CA VAL A 320 13.05 -2.26 1.59
C VAL A 320 13.62 -3.21 2.65
N LEU A 321 14.37 -4.23 2.24
CA LEU A 321 15.01 -5.13 3.20
C LEU A 321 16.13 -4.42 3.96
N GLU A 322 16.86 -3.57 3.27
CA GLU A 322 17.96 -2.81 3.86
C GLU A 322 17.51 -1.52 4.52
N ASP A 323 16.20 -1.31 4.66
CA ASP A 323 15.67 -0.11 5.29
C ASP A 323 16.22 1.16 4.64
N ASN A 324 16.45 1.09 3.33
CA ASN A 324 16.82 2.27 2.53
C ASN A 324 15.64 3.20 2.37
N ASP A 325 15.94 4.42 1.89
CA ASP A 325 14.91 5.27 1.33
C ASP A 325 14.34 4.60 0.09
N TYR A 326 13.08 4.19 0.17
CA TYR A 326 12.39 3.60 -0.96
C TYR A 326 11.37 4.60 -1.50
N GLY A 327 10.89 4.34 -2.69
CA GLY A 327 9.98 5.25 -3.36
C GLY A 327 9.05 4.51 -4.30
N ARG A 328 8.64 5.19 -5.37
CA ARG A 328 7.67 4.63 -6.29
C ARG A 328 8.13 3.29 -6.85
N ALA A 329 9.44 3.07 -6.92
CA ALA A 329 9.99 1.82 -7.45
C ALA A 329 9.58 0.58 -6.65
N VAL A 330 9.24 0.70 -5.36
CA VAL A 330 8.85 -0.52 -4.65
C VAL A 330 7.54 -1.09 -5.22
N ASP A 331 6.66 -0.25 -5.76
CA ASP A 331 5.40 -0.75 -6.32
C ASP A 331 5.64 -1.51 -7.63
N TRP A 332 6.66 -1.10 -8.42
CA TRP A 332 6.94 -1.80 -9.67
C TRP A 332 7.63 -3.11 -9.40
N TRP A 333 8.46 -3.18 -8.36
CA TRP A 333 8.96 -4.47 -7.88
C TRP A 333 7.80 -5.41 -7.55
N GLY A 334 6.84 -4.92 -6.76
CA GLY A 334 5.69 -5.75 -6.40
C GLY A 334 4.89 -6.21 -7.60
N LEU A 335 4.68 -5.33 -8.57
CA LEU A 335 4.02 -5.75 -9.81
C LEU A 335 4.78 -6.88 -10.48
N GLY A 336 6.11 -6.78 -10.52
CA GLY A 336 6.93 -7.84 -11.09
C GLY A 336 6.72 -9.17 -10.39
N VAL A 337 6.66 -9.16 -9.06
CA VAL A 337 6.47 -10.42 -8.34
C VAL A 337 5.10 -11.03 -8.68
N VAL A 338 4.03 -10.22 -8.63
CA VAL A 338 2.71 -10.82 -8.88
C VAL A 338 2.54 -11.21 -10.35
N MET A 339 3.14 -10.47 -11.28
CA MET A 339 3.06 -10.90 -12.68
C MET A 339 3.93 -12.13 -12.93
N TYR A 340 5.03 -12.26 -12.20
CA TYR A 340 5.79 -13.50 -12.25
C TYR A 340 4.95 -14.67 -11.74
N GLU A 341 4.27 -14.47 -10.62
CA GLU A 341 3.39 -15.51 -10.08
C GLU A 341 2.32 -15.90 -11.09
N MET A 342 1.63 -14.90 -11.65
CA MET A 342 0.55 -15.15 -12.60
C MET A 342 1.05 -15.92 -13.84
N MET A 343 2.23 -15.61 -14.35
CA MET A 343 2.65 -16.21 -15.62
C MET A 343 3.49 -17.47 -15.44
N CYS A 344 4.13 -17.65 -14.29
CA CYS A 344 4.92 -18.83 -14.02
C CYS A 344 4.31 -19.76 -12.99
N GLY A 345 3.23 -19.34 -12.32
CA GLY A 345 2.58 -20.19 -11.32
C GLY A 345 3.30 -20.38 -10.00
N ARG A 346 4.37 -19.61 -9.74
CA ARG A 346 5.09 -19.71 -8.48
C ARG A 346 5.82 -18.40 -8.23
N LEU A 347 6.31 -18.24 -7.00
CA LEU A 347 7.05 -17.03 -6.64
C LEU A 347 8.45 -17.05 -7.27
N PRO A 348 8.99 -15.87 -7.60
CA PRO A 348 10.36 -15.81 -8.13
C PRO A 348 11.41 -16.11 -7.07
N PHE A 349 11.18 -15.71 -5.82
CA PHE A 349 12.11 -15.98 -4.73
C PHE A 349 11.35 -16.63 -3.60
N TYR A 350 11.80 -17.78 -3.15
CA TYR A 350 11.14 -18.41 -2.01
C TYR A 350 12.14 -19.30 -1.28
N ASN A 351 12.04 -19.28 0.04
CA ASN A 351 12.77 -20.21 0.88
C ASN A 351 12.16 -20.15 2.27
N GLN A 352 12.04 -21.32 2.87
CA GLN A 352 11.58 -21.42 4.25
C GLN A 352 12.46 -20.62 5.19
N ASP A 353 13.76 -20.56 4.92
CA ASP A 353 14.73 -19.86 5.76
C ASP A 353 14.77 -18.39 5.30
N HIS A 354 14.30 -17.47 6.15
CA HIS A 354 14.20 -16.07 5.72
C HIS A 354 15.57 -15.44 5.50
N GLU A 355 16.60 -15.87 6.24
CA GLU A 355 17.95 -15.42 5.91
C GLU A 355 18.31 -15.80 4.48
N ARG A 356 17.91 -16.99 4.06
CA ARG A 356 18.19 -17.42 2.70
C ARG A 356 17.27 -16.72 1.70
N LEU A 357 16.02 -16.44 2.07
CA LEU A 357 15.14 -15.70 1.17
C LEU A 357 15.71 -14.32 0.90
N PHE A 358 16.16 -13.63 1.95
CA PHE A 358 16.70 -12.28 1.74
C PHE A 358 17.88 -12.29 0.78
N GLU A 359 18.79 -13.27 0.94
CA GLU A 359 19.91 -13.43 0.02
C GLU A 359 19.44 -13.50 -1.41
N LEU A 360 18.44 -14.33 -1.69
CA LEU A 360 17.94 -14.47 -3.05
C LEU A 360 17.36 -13.16 -3.54
N ILE A 361 16.53 -12.52 -2.72
CA ILE A 361 15.92 -11.26 -3.13
C ILE A 361 17.00 -10.23 -3.40
N LEU A 362 18.01 -10.16 -2.52
CA LEU A 362 19.10 -9.21 -2.71
C LEU A 362 20.04 -9.62 -3.84
N MET A 363 20.38 -10.91 -3.93
CA MET A 363 21.55 -11.38 -4.66
C MET A 363 21.24 -12.21 -5.91
N GLU A 364 20.17 -13.00 -5.91
CA GLU A 364 19.96 -13.98 -6.96
C GLU A 364 19.36 -13.37 -8.21
N GLU A 365 19.96 -13.68 -9.36
CA GLU A 365 19.38 -13.25 -10.62
C GLU A 365 18.13 -14.06 -10.93
N ILE A 366 17.12 -13.39 -11.48
CA ILE A 366 15.81 -14.00 -11.71
C ILE A 366 15.89 -14.93 -12.92
N ARG A 367 15.34 -16.14 -12.78
CA ARG A 367 15.32 -17.15 -13.83
C ARG A 367 13.88 -17.38 -14.30
N PHE A 368 13.74 -17.82 -15.55
CA PHE A 368 12.44 -17.90 -16.20
C PHE A 368 12.24 -19.26 -16.84
N PRO A 369 10.99 -19.68 -17.00
CA PRO A 369 10.69 -20.79 -17.92
C PRO A 369 10.89 -20.36 -19.36
N ARG A 370 11.46 -21.26 -20.16
CA ARG A 370 11.74 -20.93 -21.56
C ARG A 370 10.48 -20.81 -22.41
N THR A 371 9.32 -21.23 -21.91
CA THR A 371 8.08 -21.03 -22.65
C THR A 371 7.57 -19.60 -22.52
N LEU A 372 8.06 -18.84 -21.54
CA LEU A 372 7.69 -17.43 -21.47
C LEU A 372 8.17 -16.71 -22.74
N SER A 373 7.29 -15.91 -23.33
CA SER A 373 7.70 -15.09 -24.46
C SER A 373 8.87 -14.19 -24.05
N PRO A 374 9.64 -13.71 -25.04
CA PRO A 374 10.72 -12.78 -24.71
C PRO A 374 10.20 -11.46 -24.18
N GLU A 375 9.06 -10.98 -24.66
CA GLU A 375 8.47 -9.76 -24.12
C GLU A 375 8.17 -9.92 -22.63
N ALA A 376 7.73 -11.10 -22.21
CA ALA A 376 7.41 -11.31 -20.79
C ALA A 376 8.68 -11.40 -19.96
N LYS A 377 9.66 -12.18 -20.43
CA LYS A 377 10.93 -12.24 -19.72
C LYS A 377 11.51 -10.84 -19.56
N SER A 378 11.37 -9.99 -20.57
CA SER A 378 11.96 -8.64 -20.53
C SER A 378 11.21 -7.75 -19.55
N LEU A 379 9.87 -7.76 -19.58
CA LEU A 379 9.10 -7.00 -18.60
C LEU A 379 9.50 -7.39 -17.19
N LEU A 380 9.54 -8.70 -16.90
CA LEU A 380 9.77 -9.17 -15.55
C LEU A 380 11.20 -8.89 -15.11
N ALA A 381 12.18 -9.09 -15.99
CA ALA A 381 13.55 -8.75 -15.59
C ALA A 381 13.67 -7.26 -15.34
N GLY A 382 12.91 -6.45 -16.08
CA GLY A 382 12.96 -5.01 -15.87
C GLY A 382 12.30 -4.60 -14.55
N LEU A 383 11.16 -5.22 -14.23
CA LEU A 383 10.46 -4.90 -12.97
C LEU A 383 11.19 -5.42 -11.75
N LEU A 384 12.03 -6.44 -11.91
CA LEU A 384 12.71 -7.05 -10.78
C LEU A 384 14.21 -6.77 -10.78
N LYS A 385 14.65 -5.68 -11.43
CA LYS A 385 16.01 -5.19 -11.22
C LYS A 385 16.22 -4.89 -9.74
N LYS A 386 17.39 -5.28 -9.23
CA LYS A 386 17.65 -5.10 -7.80
C LYS A 386 17.77 -3.64 -7.40
N ASP A 387 18.39 -2.82 -8.24
CA ASP A 387 18.63 -1.42 -7.92
C ASP A 387 17.42 -0.61 -8.34
N PRO A 388 16.72 0.04 -7.41
CA PRO A 388 15.49 0.76 -7.82
C PRO A 388 15.72 1.80 -8.89
N LYS A 389 16.92 2.42 -8.95
CA LYS A 389 17.20 3.42 -9.98
C LYS A 389 17.32 2.81 -11.37
N GLN A 390 17.59 1.51 -11.49
CA GLN A 390 17.65 0.85 -12.80
C GLN A 390 16.36 0.08 -13.11
N ARG A 391 15.40 0.06 -12.19
CA ARG A 391 14.19 -0.74 -12.34
C ARG A 391 13.23 -0.10 -13.33
N LEU A 392 12.52 -0.94 -14.08
CA LEU A 392 11.50 -0.41 -14.96
C LEU A 392 10.44 0.33 -14.15
N GLY A 393 10.15 1.57 -14.52
CA GLY A 393 9.26 2.38 -13.74
C GLY A 393 9.90 3.18 -12.62
N GLY A 394 11.19 2.96 -12.35
CA GLY A 394 11.83 3.70 -11.30
C GLY A 394 12.39 5.05 -11.71
N GLY A 395 12.24 5.42 -12.98
CA GLY A 395 12.78 6.66 -13.49
C GLY A 395 11.81 7.82 -13.36
N PRO A 396 12.20 8.98 -13.92
CA PRO A 396 11.34 10.17 -13.77
C PRO A 396 9.95 10.03 -14.39
N SER A 397 9.76 9.22 -15.43
CA SER A 397 8.44 9.10 -16.02
C SER A 397 7.56 8.06 -15.31
N ASP A 398 8.10 7.33 -14.34
CA ASP A 398 7.32 6.40 -13.53
C ASP A 398 6.55 5.43 -14.39
N ALA A 399 5.21 5.45 -14.30
CA ALA A 399 4.40 4.40 -14.92
C ALA A 399 4.55 4.42 -16.43
N LYS A 400 4.85 5.59 -16.99
CA LYS A 400 5.08 5.71 -18.44
C LYS A 400 6.08 4.67 -18.94
N GLU A 401 7.18 4.48 -18.23
CA GLU A 401 8.17 3.48 -18.68
C GLU A 401 7.55 2.09 -18.77
N VAL A 402 6.69 1.75 -17.80
CA VAL A 402 6.06 0.43 -17.80
C VAL A 402 5.02 0.34 -18.91
N MET A 403 4.18 1.37 -19.05
CA MET A 403 3.11 1.37 -20.04
C MET A 403 3.66 1.26 -21.44
N GLU A 404 4.89 1.73 -21.66
CA GLU A 404 5.55 1.74 -22.95
C GLU A 404 6.30 0.46 -23.24
N HIS A 405 6.44 -0.41 -22.26
CA HIS A 405 7.15 -1.66 -22.50
C HIS A 405 6.47 -2.44 -23.61
N ARG A 406 7.26 -3.25 -24.33
CA ARG A 406 6.72 -3.99 -25.47
C ARG A 406 5.67 -5.01 -25.05
N PHE A 407 5.81 -5.62 -23.87
CA PHE A 407 4.78 -6.54 -23.38
C PHE A 407 3.38 -5.91 -23.46
N PHE A 408 3.26 -4.60 -23.26
CA PHE A 408 1.96 -3.94 -23.25
C PHE A 408 1.62 -3.25 -24.58
N LEU A 409 2.34 -3.60 -25.65
CA LEU A 409 2.14 -2.93 -26.93
C LEU A 409 0.68 -2.94 -27.35
N SER A 410 -0.05 -4.02 -27.10
CA SER A 410 -1.42 -4.10 -27.56
C SER A 410 -2.39 -3.29 -26.70
N ILE A 411 -1.94 -2.70 -25.60
CA ILE A 411 -2.86 -2.07 -24.66
C ILE A 411 -3.09 -0.61 -25.03
N ASN A 412 -4.36 -0.22 -25.16
CA ASN A 412 -4.78 1.18 -25.18
C ASN A 412 -5.09 1.61 -23.74
N TRP A 413 -4.26 2.51 -23.21
CA TRP A 413 -4.35 2.83 -21.78
C TRP A 413 -5.57 3.65 -21.43
N GLN A 414 -6.18 4.31 -22.41
CA GLN A 414 -7.47 4.94 -22.13
C GLN A 414 -8.59 3.90 -22.05
N ASP A 415 -8.52 2.85 -22.87
CA ASP A 415 -9.43 1.73 -22.71
C ASP A 415 -9.29 1.10 -21.33
N VAL A 416 -8.06 0.98 -20.82
CA VAL A 416 -7.86 0.41 -19.49
C VAL A 416 -8.67 1.18 -18.45
N VAL A 417 -8.37 2.47 -18.28
CA VAL A 417 -8.97 3.20 -17.16
C VAL A 417 -10.46 3.44 -17.36
N GLN A 418 -10.94 3.43 -18.61
CA GLN A 418 -12.36 3.56 -18.92
C GLN A 418 -13.11 2.23 -18.85
N LYS A 419 -12.44 1.13 -18.45
CA LYS A 419 -13.06 -0.20 -18.34
C LYS A 419 -13.67 -0.64 -19.69
N LYS A 420 -12.94 -0.41 -20.77
CA LYS A 420 -13.40 -0.81 -22.09
C LYS A 420 -12.75 -2.10 -22.57
N LEU A 421 -11.78 -2.62 -21.85
CA LEU A 421 -11.16 -3.89 -22.18
C LEU A 421 -12.05 -5.03 -21.70
N LEU A 422 -12.30 -5.99 -22.60
CA LEU A 422 -13.13 -7.14 -22.27
C LEU A 422 -12.37 -8.06 -21.32
N PRO A 423 -12.86 -8.32 -20.11
CA PRO A 423 -12.14 -9.21 -19.19
C PRO A 423 -11.96 -10.60 -19.79
N PRO A 424 -10.78 -11.21 -19.65
CA PRO A 424 -10.57 -12.55 -20.21
C PRO A 424 -11.25 -13.65 -19.43
N PHE A 425 -11.75 -13.37 -18.23
CA PHE A 425 -12.38 -14.37 -17.39
C PHE A 425 -13.56 -13.71 -16.68
N LYS A 426 -14.72 -14.34 -16.74
CA LYS A 426 -15.88 -13.77 -16.07
C LYS A 426 -16.25 -14.60 -14.85
N PRO A 427 -16.14 -14.05 -13.65
CA PRO A 427 -16.49 -14.84 -12.45
C PRO A 427 -17.94 -15.29 -12.48
N GLN A 428 -18.21 -16.40 -11.78
CA GLN A 428 -19.51 -17.08 -11.79
C GLN A 428 -20.48 -16.43 -10.80
N VAL A 429 -20.68 -15.13 -10.98
CA VAL A 429 -21.66 -14.37 -10.23
C VAL A 429 -22.45 -13.54 -11.21
N THR A 430 -23.74 -13.33 -10.90
CA THR A 430 -24.65 -12.66 -11.81
C THR A 430 -25.06 -11.28 -11.35
N SER A 431 -24.86 -10.97 -10.07
CA SER A 431 -25.13 -9.64 -9.53
C SER A 431 -24.04 -9.33 -8.52
N GLU A 432 -24.06 -8.09 -8.00
CA GLU A 432 -23.15 -7.66 -6.95
C GLU A 432 -23.52 -8.21 -5.57
N VAL A 433 -24.68 -8.87 -5.44
CA VAL A 433 -25.10 -9.47 -4.18
C VAL A 433 -25.11 -10.99 -4.27
N ASP A 434 -24.57 -11.56 -5.35
CA ASP A 434 -24.39 -13.00 -5.44
C ASP A 434 -23.23 -13.40 -4.54
N THR A 435 -23.50 -14.26 -3.54
CA THR A 435 -22.49 -14.60 -2.55
C THR A 435 -21.71 -15.87 -2.90
N ARG A 436 -21.71 -16.29 -4.17
CA ARG A 436 -21.06 -17.54 -4.53
C ARG A 436 -19.64 -17.65 -3.99
N TYR A 437 -18.86 -16.56 -4.05
CA TYR A 437 -17.45 -16.66 -3.70
C TYR A 437 -17.18 -16.37 -2.23
N PHE A 438 -18.18 -15.99 -1.46
CA PHE A 438 -17.93 -15.64 -0.06
C PHE A 438 -17.55 -16.84 0.80
N ASP A 439 -17.60 -18.05 0.25
CA ASP A 439 -16.92 -19.21 0.85
C ASP A 439 -17.09 -20.44 -0.04
#